data_3N0Q
#
_entry.id   3N0Q
#
_cell.length_a   97.533
_cell.length_b   97.533
_cell.length_c   96.522
_cell.angle_alpha   90.000
_cell.angle_beta   90.000
_cell.angle_gamma   120.000
#
_symmetry.space_group_name_H-M   'P 63'
#
loop_
_entity.id
_entity.type
_entity.pdbx_description
1 polymer 'Putative aromatic-ring hydroxylating dioxygenase'
2 non-polymer 'FE2/S2 (INORGANIC) CLUSTER'
3 non-polymer 'NICKEL (II) ION'
4 non-polymer 'CHLORIDE ION'
5 non-polymer 2-AMINO-2-HYDROXYMETHYL-PROPANE-1,3-DIOL
6 non-polymer GLYCEROL
7 water water
#
_entity_poly.entity_id   1
_entity_poly.type   'polypeptide(L)'
_entity_poly.pdbx_seq_one_letter_code
;G(MSE)HSNINTLIANHRAGHALDQAFYTDAEVFQTDLQEIFYKEWLFAIPACELDKPGSYVTHQVGNYNVIIVRGADNV
IRAFHNACRHRGSVICKAKKGNNPKLVCPYHQWTYELDGRLLWARD(MSE)GPDFEPSRHGLKTVHCRELAGLIYICLAD
EAPDFERFAEVARPYLEVHDLSNAKVAHESSIVERGNWKLVWENNRECYHCGGNHPALCRTFPDDPSVTGIEGGETPSNL
QAHFDRCEQAG(MSE)PSGFHLSGDGQFRVAR(MSE)PLKEGAESYT(MSE)DGKTAVRRWLGRAAFADAGSLLKFHYPT
TWNHFLSDHSIVFRVTPISPTETEVTTKWLVHKDAVEGVDYDLQRLTEVWIATNDEDREVVEFNQ(MSE)GINSPAYEPG
PYSPTQESGVLQFVEWYLSTLKRNSGPHAVAAE
;
_entity_poly.pdbx_strand_id   A
#
loop_
_chem_comp.id
_chem_comp.type
_chem_comp.name
_chem_comp.formula
CL non-polymer 'CHLORIDE ION' 'Cl -1'
FES non-polymer 'FE2/S2 (INORGANIC) CLUSTER' 'Fe2 S2'
GOL non-polymer GLYCEROL 'C3 H8 O3'
NI non-polymer 'NICKEL (II) ION' 'Ni 2'
TRS non-polymer 2-AMINO-2-HYDROXYMETHYL-PROPANE-1,3-DIOL 'C4 H12 N O3 1'
#
# COMPACT_ATOMS: atom_id res chain seq x y z
N MSE A 2 1.45 -22.22 -20.65
N MSE A 2 0.01 -23.08 -21.45
CA MSE A 2 0.33 -22.41 -19.68
CA MSE A 2 -0.35 -23.30 -20.02
C MSE A 2 -0.63 -21.25 -19.85
C MSE A 2 -1.75 -22.79 -19.71
O MSE A 2 -0.19 -20.13 -20.14
O MSE A 2 -2.64 -23.60 -19.51
CB MSE A 2 0.90 -22.41 -18.25
CB MSE A 2 0.66 -22.62 -19.12
CG MSE A 2 0.12 -23.19 -17.21
CG MSE A 2 1.23 -21.35 -19.74
SE MSE A 2 0.87 -22.80 -15.44
SE MSE A 2 -0.06 -19.89 -19.87
CE MSE A 2 -0.36 -23.79 -14.31
CE MSE A 2 1.40 -18.62 -20.11
N HIS A 3 -1.95 -21.47 -19.66
CA HIS A 3 -3.20 -20.70 -19.51
C HIS A 3 -3.86 -20.21 -20.80
N SER A 4 -3.18 -20.40 -21.94
CA SER A 4 -3.63 -19.90 -23.26
C SER A 4 -3.62 -18.37 -23.32
N ASN A 5 -4.60 -17.75 -22.65
CA ASN A 5 -4.68 -16.29 -22.52
C ASN A 5 -5.48 -15.92 -21.26
N ILE A 6 -5.39 -14.64 -20.87
CA ILE A 6 -5.97 -14.21 -19.62
C ILE A 6 -7.50 -14.37 -19.64
N ASN A 7 -8.13 -14.12 -20.79
CA ASN A 7 -9.58 -14.27 -20.99
CA ASN A 7 -9.57 -14.24 -20.88
C ASN A 7 -10.07 -15.68 -20.64
N THR A 8 -9.34 -16.68 -21.13
CA THR A 8 -9.68 -18.09 -20.89
C THR A 8 -9.47 -18.50 -19.42
N LEU A 9 -8.36 -18.07 -18.85
CA LEU A 9 -8.10 -18.27 -17.43
CA LEU A 9 -8.09 -18.29 -17.44
C LEU A 9 -9.20 -17.67 -16.57
N ILE A 10 -9.57 -16.41 -16.86
CA ILE A 10 -10.61 -15.75 -16.06
C ILE A 10 -11.96 -16.49 -16.21
N ALA A 11 -12.28 -16.88 -17.43
CA ALA A 11 -13.55 -17.55 -17.73
C ALA A 11 -13.67 -18.93 -17.06
N ASN A 12 -12.53 -19.54 -16.74
CA ASN A 12 -12.49 -20.83 -16.06
C ASN A 12 -12.47 -20.78 -14.54
N HIS A 13 -12.51 -19.61 -13.94
CA HIS A 13 -12.45 -19.49 -12.50
C HIS A 13 -13.65 -20.17 -11.85
N ARG A 14 -13.39 -20.95 -10.79
CA ARG A 14 -14.47 -21.61 -10.06
CA ARG A 14 -14.43 -21.63 -10.05
C ARG A 14 -14.93 -20.72 -8.93
N ALA A 15 -16.15 -20.24 -9.07
CA ALA A 15 -16.71 -19.31 -8.09
C ALA A 15 -16.60 -19.84 -6.64
N GLY A 16 -16.20 -18.95 -5.73
CA GLY A 16 -16.07 -19.29 -4.31
C GLY A 16 -14.75 -20.01 -3.96
N HIS A 17 -13.96 -20.33 -4.97
CA HIS A 17 -12.71 -21.04 -4.74
C HIS A 17 -11.49 -20.12 -4.97
N ALA A 18 -10.32 -20.58 -4.51
CA ALA A 18 -9.10 -19.89 -4.80
C ALA A 18 -8.74 -19.96 -6.28
N LEU A 19 -7.69 -19.25 -6.65
CA LEU A 19 -7.29 -19.12 -8.05
C LEU A 19 -6.53 -20.36 -8.58
N ASP A 20 -6.72 -20.64 -9.87
CA ASP A 20 -5.88 -21.60 -10.64
C ASP A 20 -4.41 -21.31 -10.43
N GLN A 21 -3.61 -22.37 -10.41
CA GLN A 21 -2.17 -22.27 -10.18
C GLN A 21 -1.50 -21.17 -11.00
N ALA A 22 -1.86 -21.06 -12.29
CA ALA A 22 -1.21 -20.05 -13.19
C ALA A 22 -1.24 -18.62 -12.68
N PHE A 23 -2.32 -18.25 -12.00
CA PHE A 23 -2.43 -16.94 -11.38
C PHE A 23 -1.30 -16.65 -10.40
N TYR A 24 -0.82 -17.69 -9.73
CA TYR A 24 0.22 -17.53 -8.72
C TYR A 24 1.62 -17.91 -9.19
N THR A 25 1.76 -18.52 -10.37
CA THR A 25 3.08 -19.04 -10.77
C THR A 25 3.53 -18.61 -12.17
N ASP A 26 2.60 -18.33 -13.07
CA ASP A 26 2.93 -18.19 -14.48
C ASP A 26 3.55 -16.82 -14.79
N ALA A 27 4.64 -16.82 -15.55
CA ALA A 27 5.36 -15.62 -15.89
C ALA A 27 4.54 -14.63 -16.76
N GLU A 28 3.81 -15.14 -17.74
CA GLU A 28 2.94 -14.30 -18.59
C GLU A 28 1.78 -13.65 -17.81
N VAL A 29 1.15 -14.42 -16.92
CA VAL A 29 0.11 -13.85 -16.05
C VAL A 29 0.69 -12.75 -15.17
N PHE A 30 1.91 -12.93 -14.68
CA PHE A 30 2.55 -11.89 -13.88
C PHE A 30 2.76 -10.60 -14.68
N GLN A 31 3.23 -10.71 -15.92
CA GLN A 31 3.37 -9.56 -16.79
C GLN A 31 2.02 -8.90 -17.04
N THR A 32 0.96 -9.69 -17.21
CA THR A 32 -0.42 -9.16 -17.33
C THR A 32 -0.83 -8.38 -16.08
N ASP A 33 -0.50 -8.91 -14.91
CA ASP A 33 -0.79 -8.23 -13.63
C ASP A 33 -0.06 -6.89 -13.58
N LEU A 34 1.20 -6.83 -14.01
CA LEU A 34 1.89 -5.55 -14.06
C LEU A 34 1.19 -4.61 -15.05
N GLN A 35 0.98 -5.10 -16.28
CA GLN A 35 0.42 -4.23 -17.33
C GLN A 35 -1.00 -3.75 -17.07
N GLU A 36 -1.84 -4.60 -16.48
CA GLU A 36 -3.25 -4.28 -16.37
C GLU A 36 -3.66 -3.70 -15.03
N ILE A 37 -2.83 -3.94 -13.99
CA ILE A 37 -3.15 -3.51 -12.63
C ILE A 37 -2.14 -2.47 -12.13
N PHE A 38 -0.89 -2.91 -11.94
CA PHE A 38 0.13 -2.03 -11.34
C PHE A 38 0.54 -0.83 -12.20
N TYR A 39 0.38 -0.96 -13.52
CA TYR A 39 0.74 0.12 -14.44
C TYR A 39 -0.49 0.95 -14.86
N LYS A 40 -1.67 0.61 -14.30
CA LYS A 40 -2.88 1.36 -14.61
C LYS A 40 -3.57 2.06 -13.41
N GLU A 41 -3.46 1.48 -12.21
CA GLU A 41 -4.22 1.96 -11.06
C GLU A 41 -3.41 2.92 -10.21
N TRP A 42 -4.09 3.62 -9.30
CA TRP A 42 -3.38 4.42 -8.29
C TRP A 42 -2.64 3.54 -7.31
N LEU A 43 -1.41 3.95 -6.95
CA LEU A 43 -0.49 3.18 -6.12
C LEU A 43 -0.07 4.04 -4.93
N PHE A 44 -0.13 3.50 -3.73
CA PHE A 44 0.41 4.19 -2.56
C PHE A 44 1.93 4.12 -2.65
N ALA A 45 2.59 5.26 -2.52
CA ALA A 45 4.05 5.35 -2.57
C ALA A 45 4.65 5.59 -1.18
N ILE A 46 4.47 6.78 -0.64
CA ILE A 46 5.11 7.18 0.64
C ILE A 46 4.26 8.14 1.45
N PRO A 47 4.48 8.17 2.77
CA PRO A 47 3.99 9.35 3.51
C PRO A 47 4.74 10.60 3.06
N ALA A 48 4.00 11.69 2.90
CA ALA A 48 4.54 12.96 2.45
C ALA A 48 5.64 13.46 3.40
N CYS A 49 5.53 13.12 4.69
CA CYS A 49 6.50 13.60 5.69
C CYS A 49 7.94 13.17 5.41
N GLU A 50 8.13 12.10 4.64
CA GLU A 50 9.45 11.69 4.14
C GLU A 50 10.18 12.72 3.28
N LEU A 51 9.44 13.59 2.61
CA LEU A 51 10.03 14.65 1.80
C LEU A 51 10.04 15.94 2.64
N ASP A 52 11.06 16.06 3.49
CA ASP A 52 11.00 17.04 4.60
C ASP A 52 11.27 18.51 4.22
N LYS A 53 11.87 18.75 3.05
CA LYS A 53 12.35 20.05 2.61
C LYS A 53 12.23 20.15 1.09
N PRO A 54 12.21 21.37 0.55
CA PRO A 54 12.36 21.52 -0.90
C PRO A 54 13.65 20.87 -1.37
N GLY A 55 13.58 20.17 -2.51
CA GLY A 55 14.69 19.37 -3.00
C GLY A 55 14.74 17.94 -2.48
N SER A 56 13.93 17.61 -1.49
CA SER A 56 13.94 16.25 -0.93
C SER A 56 13.31 15.27 -1.90
N TYR A 57 13.90 14.09 -2.03
CA TYR A 57 13.32 13.08 -2.91
C TYR A 57 13.48 11.70 -2.35
N VAL A 58 12.68 10.78 -2.90
CA VAL A 58 12.92 9.36 -2.82
C VAL A 58 12.78 8.76 -4.23
N THR A 59 13.30 7.57 -4.39
CA THR A 59 13.08 6.75 -5.57
C THR A 59 12.33 5.46 -5.19
N HIS A 60 11.57 4.94 -6.14
CA HIS A 60 10.63 3.87 -5.89
C HIS A 60 10.52 3.03 -7.15
N GLN A 61 10.81 1.75 -6.98
CA GLN A 61 10.70 0.75 -8.03
C GLN A 61 9.30 0.12 -8.05
N VAL A 62 8.68 0.09 -9.23
CA VAL A 62 7.41 -0.61 -9.44
C VAL A 62 7.54 -1.42 -10.72
N GLY A 63 7.69 -2.73 -10.58
CA GLY A 63 7.94 -3.58 -11.75
C GLY A 63 9.23 -3.14 -12.41
N ASN A 64 9.17 -2.82 -13.70
CA ASN A 64 10.35 -2.28 -14.38
C ASN A 64 10.47 -0.77 -14.39
N TYR A 65 9.54 -0.08 -13.75
CA TYR A 65 9.62 1.36 -13.62
C TYR A 65 10.37 1.75 -12.35
N ASN A 66 11.06 2.87 -12.45
CA ASN A 66 11.61 3.53 -11.28
C ASN A 66 11.25 4.99 -11.32
N VAL A 67 10.68 5.47 -10.22
CA VAL A 67 10.08 6.80 -10.12
C VAL A 67 10.80 7.66 -9.09
N ILE A 68 11.13 8.89 -9.48
CA ILE A 68 11.62 9.91 -8.58
C ILE A 68 10.41 10.65 -8.06
N ILE A 69 10.27 10.74 -6.74
CA ILE A 69 9.24 11.56 -6.12
C ILE A 69 9.93 12.68 -5.36
N VAL A 70 9.67 13.93 -5.77
CA VAL A 70 10.49 15.05 -5.33
C VAL A 70 9.66 16.28 -5.00
N ARG A 71 9.99 16.89 -3.86
CA ARG A 71 9.38 18.13 -3.41
C ARG A 71 10.07 19.34 -4.02
N GLY A 72 9.30 20.14 -4.76
CA GLY A 72 9.83 21.34 -5.41
C GLY A 72 10.14 22.52 -4.50
N ALA A 73 10.80 23.52 -5.06
CA ALA A 73 11.04 24.78 -4.34
C ALA A 73 9.74 25.47 -3.90
N ASP A 74 8.63 25.19 -4.61
CA ASP A 74 7.26 25.64 -4.24
C ASP A 74 6.52 24.68 -3.31
N ASN A 75 7.25 23.72 -2.74
CA ASN A 75 6.69 22.71 -1.85
C ASN A 75 5.70 21.70 -2.41
N VAL A 76 5.49 21.72 -3.74
CA VAL A 76 4.62 20.72 -4.38
C VAL A 76 5.43 19.47 -4.72
N ILE A 77 4.88 18.30 -4.36
CA ILE A 77 5.52 17.01 -4.61
C ILE A 77 5.14 16.56 -6.01
N ARG A 78 6.15 16.25 -6.83
CA ARG A 78 5.97 15.81 -8.22
C ARG A 78 6.66 14.47 -8.41
N ALA A 79 6.25 13.72 -9.43
CA ALA A 79 6.89 12.44 -9.74
C ALA A 79 7.34 12.40 -11.17
N PHE A 80 8.48 11.73 -11.39
CA PHE A 80 9.08 11.57 -12.71
C PHE A 80 9.66 10.19 -12.91
N HIS A 81 9.79 9.78 -14.16
CA HIS A 81 10.57 8.59 -14.48
C HIS A 81 12.05 8.89 -14.23
N ASN A 82 12.72 7.99 -13.50
CA ASN A 82 14.16 8.06 -13.20
C ASN A 82 14.99 7.55 -14.39
N ALA A 83 14.95 8.35 -15.46
CA ALA A 83 15.51 7.98 -16.76
C ALA A 83 15.85 9.25 -17.55
N CYS A 84 17.15 9.51 -17.69
CA CYS A 84 17.63 10.68 -18.45
C CYS A 84 17.20 10.64 -19.92
N ARG A 85 16.86 11.79 -20.47
CA ARG A 85 16.41 11.87 -21.84
C ARG A 85 17.53 11.84 -22.88
N HIS A 86 18.79 11.79 -22.43
CA HIS A 86 19.94 11.63 -23.33
C HIS A 86 20.07 10.14 -23.72
N ARG A 87 20.68 9.34 -22.86
CA ARG A 87 20.95 7.92 -23.16
C ARG A 87 20.28 6.95 -22.17
N GLY A 88 19.46 7.51 -21.28
CA GLY A 88 18.55 6.72 -20.48
C GLY A 88 18.97 6.50 -19.05
N SER A 89 20.12 7.03 -18.63
CA SER A 89 20.63 6.67 -17.30
C SER A 89 19.69 7.03 -16.16
N VAL A 90 19.73 6.22 -15.11
CA VAL A 90 19.17 6.60 -13.84
C VAL A 90 19.83 7.94 -13.46
N ILE A 91 19.01 8.84 -12.95
CA ILE A 91 19.44 10.18 -12.51
C ILE A 91 19.75 10.21 -11.02
N CYS A 92 18.82 9.68 -10.22
CA CYS A 92 18.99 9.59 -8.77
C CYS A 92 19.29 8.12 -8.39
N LYS A 93 20.55 7.86 -8.04
CA LYS A 93 21.01 6.51 -7.73
C LYS A 93 20.57 6.08 -6.32
N ALA A 94 20.43 7.06 -5.43
CA ALA A 94 20.12 6.78 -4.03
C ALA A 94 18.62 6.60 -3.79
N LYS A 95 18.24 5.83 -2.77
CA LYS A 95 16.83 5.67 -2.40
C LYS A 95 16.20 6.95 -1.86
N LYS A 96 17.04 7.86 -1.36
CA LYS A 96 16.58 9.13 -0.81
C LYS A 96 17.71 10.15 -0.76
N GLY A 97 17.36 11.42 -0.75
CA GLY A 97 18.34 12.47 -0.73
C GLY A 97 17.70 13.83 -0.87
N ASN A 98 18.54 14.83 -1.05
CA ASN A 98 18.08 16.21 -1.28
C ASN A 98 19.01 16.83 -2.31
N ASN A 99 18.43 17.46 -3.32
CA ASN A 99 19.19 18.14 -4.37
C ASN A 99 18.38 19.32 -4.90
N PRO A 100 19.01 20.48 -5.14
CA PRO A 100 18.23 21.58 -5.71
C PRO A 100 17.88 21.41 -7.19
N LYS A 101 18.60 20.54 -7.87
CA LYS A 101 18.32 20.18 -9.25
C LYS A 101 18.47 18.66 -9.42
N LEU A 102 17.91 18.13 -10.50
CA LEU A 102 18.10 16.74 -10.87
C LEU A 102 19.20 16.70 -11.94
N VAL A 103 20.37 16.19 -11.56
CA VAL A 103 21.56 16.23 -12.41
C VAL A 103 21.97 14.78 -12.79
N CYS A 104 21.92 14.46 -14.07
CA CYS A 104 22.30 13.14 -14.51
C CYS A 104 23.78 12.93 -14.29
N PRO A 105 24.14 11.79 -13.68
CA PRO A 105 25.56 11.64 -13.33
C PRO A 105 26.42 11.21 -14.51
N TYR A 106 25.80 10.88 -15.64
CA TYR A 106 26.57 10.37 -16.76
C TYR A 106 27.24 11.54 -17.47
N HIS A 107 26.46 12.45 -18.03
CA HIS A 107 26.96 13.61 -18.78
C HIS A 107 26.40 14.97 -18.32
N GLN A 108 25.80 14.98 -17.12
CA GLN A 108 25.45 16.20 -16.39
CA GLN A 108 25.44 16.18 -16.38
C GLN A 108 24.27 17.01 -16.96
N TRP A 109 23.42 16.38 -17.77
CA TRP A 109 22.20 17.10 -18.19
C TRP A 109 21.48 17.45 -16.91
N THR A 110 21.00 18.68 -16.83
CA THR A 110 20.54 19.24 -15.58
C THR A 110 19.08 19.65 -15.72
N TYR A 111 18.22 19.08 -14.87
CA TYR A 111 16.78 19.28 -14.91
C TYR A 111 16.28 20.04 -13.69
N GLU A 112 15.33 20.93 -13.91
CA GLU A 112 14.59 21.57 -12.85
C GLU A 112 13.75 20.54 -12.08
N LEU A 113 13.38 20.88 -10.84
CA LEU A 113 12.57 19.96 -10.02
C LEU A 113 11.11 19.79 -10.53
N ASP A 114 10.77 20.52 -11.61
CA ASP A 114 9.54 20.24 -12.37
C ASP A 114 9.76 19.40 -13.65
N GLY A 115 10.99 18.90 -13.84
CA GLY A 115 11.29 18.05 -15.00
C GLY A 115 11.87 18.71 -16.26
N ARG A 116 11.83 20.05 -16.33
CA ARG A 116 12.31 20.79 -17.51
C ARG A 116 13.83 20.71 -17.64
N LEU A 117 14.31 20.45 -18.85
CA LEU A 117 15.75 20.44 -19.09
C LEU A 117 16.29 21.86 -19.14
N LEU A 118 17.14 22.20 -18.16
CA LEU A 118 17.74 23.52 -18.09
C LEU A 118 19.11 23.66 -18.78
N TRP A 119 19.87 22.57 -18.85
CA TRP A 119 21.19 22.63 -19.45
C TRP A 119 21.63 21.27 -19.91
N ALA A 120 22.13 21.25 -21.15
CA ALA A 120 22.72 20.05 -21.72
C ALA A 120 23.88 20.48 -22.62
N ARG A 121 25.08 20.02 -22.29
CA ARG A 121 26.30 20.54 -22.94
C ARG A 121 26.49 20.05 -24.37
N ASP A 122 26.78 21.00 -25.28
CA ASP A 122 27.28 20.74 -26.63
C ASP A 122 26.41 19.79 -27.45
N MSE A 123 25.11 20.05 -27.46
CA MSE A 123 24.17 19.20 -28.16
C MSE A 123 23.88 19.68 -29.60
O MSE A 123 23.14 19.03 -30.35
CB MSE A 123 22.91 19.01 -27.31
CG MSE A 123 23.17 18.19 -26.02
SE MSE A 123 23.93 16.48 -26.31
CE MSE A 123 22.49 15.77 -27.60
N GLY A 124 24.50 20.79 -29.98
CA GLY A 124 24.49 21.26 -31.37
C GLY A 124 23.25 22.08 -31.73
N PRO A 125 23.27 22.70 -32.90
CA PRO A 125 22.31 23.76 -33.24
C PRO A 125 20.84 23.32 -33.34
N ASP A 126 20.59 22.06 -33.67
CA ASP A 126 19.21 21.57 -33.85
C ASP A 126 18.54 20.98 -32.60
N PHE A 127 19.28 20.90 -31.49
CA PHE A 127 18.75 20.26 -30.29
C PHE A 127 17.64 21.10 -29.65
N GLU A 128 16.54 20.45 -29.26
CA GLU A 128 15.38 21.10 -28.66
CA GLU A 128 15.37 21.12 -28.67
C GLU A 128 15.16 20.68 -27.21
N PRO A 129 15.68 21.48 -26.24
CA PRO A 129 15.55 21.05 -24.83
C PRO A 129 14.09 20.84 -24.39
N SER A 130 13.16 21.62 -24.97
CA SER A 130 11.71 21.47 -24.72
C SER A 130 11.16 20.07 -25.01
N ARG A 131 11.82 19.31 -25.88
CA ARG A 131 11.39 17.97 -26.27
CA ARG A 131 11.37 17.95 -26.23
C ARG A 131 12.13 16.89 -25.44
N HIS A 132 12.98 17.33 -24.50
CA HIS A 132 13.77 16.40 -23.68
C HIS A 132 13.67 16.66 -22.19
N GLY A 133 12.48 17.04 -21.74
CA GLY A 133 12.17 17.06 -20.34
C GLY A 133 11.91 15.66 -19.78
N LEU A 134 12.05 15.50 -18.47
CA LEU A 134 11.81 14.22 -17.83
C LEU A 134 10.34 13.83 -18.04
N LYS A 135 10.10 12.55 -18.30
CA LYS A 135 8.73 12.07 -18.45
C LYS A 135 8.02 12.04 -17.10
N THR A 136 6.75 12.44 -17.11
CA THR A 136 6.02 12.66 -15.86
C THR A 136 5.29 11.41 -15.42
N VAL A 137 5.07 11.36 -14.11
CA VAL A 137 4.21 10.33 -13.45
C VAL A 137 3.11 11.08 -12.67
N HIS A 138 1.86 10.63 -12.78
CA HIS A 138 0.77 11.24 -12.01
C HIS A 138 1.04 11.10 -10.51
N CYS A 139 0.74 12.16 -9.77
CA CYS A 139 1.07 12.23 -8.35
C CYS A 139 -0.01 13.00 -7.58
N ARG A 140 -0.49 12.45 -6.46
CA ARG A 140 -1.54 13.09 -5.65
C ARG A 140 -1.17 13.00 -4.17
N GLU A 141 -1.57 14.00 -3.40
CA GLU A 141 -1.39 13.99 -1.97
C GLU A 141 -2.76 13.94 -1.28
N LEU A 142 -2.97 12.92 -0.45
CA LEU A 142 -4.25 12.68 0.25
C LEU A 142 -3.96 12.65 1.73
N ALA A 143 -4.35 13.73 2.40
CA ALA A 143 -4.19 13.90 3.85
C ALA A 143 -2.83 13.43 4.36
N GLY A 144 -1.76 13.81 3.67
CA GLY A 144 -0.39 13.44 4.05
C GLY A 144 0.22 12.15 3.49
N LEU A 145 -0.49 11.51 2.55
CA LEU A 145 -0.05 10.28 1.90
C LEU A 145 0.05 10.52 0.39
N ILE A 146 1.18 10.12 -0.20
CA ILE A 146 1.45 10.29 -1.63
C ILE A 146 1.10 9.03 -2.42
N TYR A 147 0.26 9.22 -3.44
CA TYR A 147 -0.13 8.19 -4.39
C TYR A 147 0.40 8.54 -5.77
N ILE A 148 0.75 7.52 -6.57
CA ILE A 148 1.21 7.76 -7.94
C ILE A 148 0.44 6.88 -8.93
N CYS A 149 0.51 7.20 -10.22
CA CYS A 149 -0.12 6.34 -11.24
C CYS A 149 0.74 6.41 -12.50
N LEU A 150 1.11 5.24 -13.01
CA LEU A 150 2.02 5.09 -14.14
C LEU A 150 1.37 5.16 -15.51
N ALA A 151 0.04 5.16 -15.54
CA ALA A 151 -0.69 5.16 -16.82
C ALA A 151 -0.64 6.54 -17.49
N ASP A 152 -0.74 6.56 -18.80
CA ASP A 152 -0.85 7.83 -19.51
C ASP A 152 -2.04 8.62 -18.99
N GLU A 153 -3.18 7.96 -18.92
CA GLU A 153 -4.39 8.58 -18.36
C GLU A 153 -4.76 7.89 -17.04
N ALA A 154 -4.76 8.66 -15.96
CA ALA A 154 -5.05 8.10 -14.63
C ALA A 154 -6.56 7.93 -14.44
N PRO A 155 -6.99 6.88 -13.69
CA PRO A 155 -8.39 6.79 -13.29
C PRO A 155 -8.75 7.88 -12.28
N ASP A 156 -10.04 8.01 -12.00
CA ASP A 156 -10.52 8.97 -11.01
C ASP A 156 -9.83 8.74 -9.66
N PHE A 157 -9.37 9.81 -9.03
CA PHE A 157 -8.83 9.73 -7.65
C PHE A 157 -9.83 10.29 -6.63
N GLU A 158 -10.70 11.17 -7.13
CA GLU A 158 -11.51 12.02 -6.27
C GLU A 158 -12.59 11.28 -5.47
N ARG A 159 -13.19 10.23 -6.03
CA ARG A 159 -14.16 9.50 -5.23
C ARG A 159 -13.46 8.91 -3.99
N PHE A 160 -12.32 8.25 -4.22
CA PHE A 160 -11.49 7.73 -3.13
C PHE A 160 -11.13 8.83 -2.13
N ALA A 161 -10.56 9.92 -2.63
CA ALA A 161 -10.12 11.02 -1.75
C ALA A 161 -11.26 11.57 -0.89
N GLU A 162 -12.44 11.80 -1.50
CA GLU A 162 -13.57 12.39 -0.78
C GLU A 162 -14.06 11.53 0.38
N VAL A 163 -14.01 10.21 0.20
CA VAL A 163 -14.46 9.26 1.21
C VAL A 163 -13.41 9.18 2.31
N ALA A 164 -12.15 9.01 1.92
CA ALA A 164 -11.07 8.75 2.87
C ALA A 164 -10.54 9.94 3.67
N ARG A 165 -10.56 11.14 3.10
CA ARG A 165 -9.93 12.32 3.72
CA ARG A 165 -9.91 12.29 3.74
C ARG A 165 -10.37 12.56 5.18
N PRO A 166 -11.71 12.55 5.46
CA PRO A 166 -12.11 12.85 6.85
C PRO A 166 -11.66 11.82 7.88
N TYR A 167 -11.57 10.56 7.49
CA TYR A 167 -11.06 9.51 8.39
C TYR A 167 -9.56 9.76 8.64
N LEU A 168 -8.84 10.07 7.55
CA LEU A 168 -7.38 10.21 7.58
C LEU A 168 -6.93 11.47 8.33
N GLU A 169 -7.73 12.54 8.24
CA GLU A 169 -7.36 13.83 8.85
C GLU A 169 -7.26 13.77 10.38
N VAL A 170 -7.94 12.81 10.99
CA VAL A 170 -7.83 12.57 12.43
C VAL A 170 -6.36 12.37 12.83
N HIS A 171 -5.57 11.79 11.93
CA HIS A 171 -4.20 11.36 12.27
C HIS A 171 -3.11 12.33 11.89
N ASP A 172 -3.48 13.49 11.34
CA ASP A 172 -2.57 14.63 11.20
C ASP A 172 -1.25 14.21 10.57
N LEU A 173 -1.34 13.50 9.47
CA LEU A 173 -0.19 12.75 8.98
C LEU A 173 0.88 13.67 8.37
N SER A 174 0.50 14.90 7.99
CA SER A 174 1.47 15.87 7.47
C SER A 174 2.45 16.30 8.56
N ASN A 175 2.07 16.11 9.82
CA ASN A 175 2.96 16.38 10.95
C ASN A 175 3.55 15.13 11.60
N ALA A 176 3.55 14.03 10.87
CA ALA A 176 4.23 12.84 11.34
C ALA A 176 5.70 12.83 10.97
N LYS A 177 6.41 11.86 11.51
CA LYS A 177 7.69 11.42 10.98
C LYS A 177 7.71 9.90 10.92
N VAL A 178 8.55 9.35 10.05
CA VAL A 178 8.79 7.89 10.01
C VAL A 178 9.76 7.51 11.16
N ALA A 179 9.23 6.88 12.20
CA ALA A 179 10.02 6.43 13.32
C ALA A 179 10.83 5.20 12.94
N HIS A 180 10.29 4.39 12.04
CA HIS A 180 10.93 3.13 11.63
C HIS A 180 10.39 2.68 10.28
N GLU A 181 11.28 2.13 9.46
CA GLU A 181 10.90 1.47 8.18
C GLU A 181 11.44 0.05 8.17
N SER A 182 10.65 -0.88 7.63
CA SER A 182 11.08 -2.24 7.45
C SER A 182 10.64 -2.67 6.05
N SER A 183 11.52 -3.27 5.28
CA SER A 183 11.14 -3.80 3.97
CA SER A 183 11.15 -3.80 3.96
C SER A 183 11.56 -5.26 3.98
N ILE A 184 10.64 -6.15 3.61
CA ILE A 184 10.94 -7.59 3.53
C ILE A 184 10.51 -8.10 2.17
N VAL A 185 11.23 -9.06 1.64
CA VAL A 185 10.79 -9.72 0.41
C VAL A 185 10.18 -11.04 0.82
N GLU A 186 8.90 -11.21 0.48
CA GLU A 186 8.15 -12.45 0.75
C GLU A 186 8.18 -13.30 -0.51
N ARG A 187 8.51 -14.57 -0.36
CA ARG A 187 8.60 -15.50 -1.51
C ARG A 187 7.23 -16.07 -1.84
N GLY A 188 6.32 -15.14 -2.11
CA GLY A 188 4.98 -15.44 -2.59
C GLY A 188 4.50 -14.42 -3.62
N ASN A 189 3.63 -14.86 -4.52
CA ASN A 189 2.88 -13.97 -5.41
C ASN A 189 2.17 -12.88 -4.64
N TRP A 190 2.12 -11.69 -5.25
CA TRP A 190 1.54 -10.52 -4.64
C TRP A 190 0.10 -10.78 -4.21
N LYS A 191 -0.61 -11.63 -4.95
CA LYS A 191 -2.00 -11.96 -4.62
C LYS A 191 -2.09 -12.81 -3.36
N LEU A 192 -1.06 -13.64 -3.11
CA LEU A 192 -1.05 -14.42 -1.87
C LEU A 192 -0.78 -13.55 -0.66
N VAL A 193 0.02 -12.50 -0.83
CA VAL A 193 0.21 -11.53 0.24
C VAL A 193 -1.15 -10.88 0.61
N TRP A 194 -1.92 -10.50 -0.40
CA TRP A 194 -3.25 -9.89 -0.16
C TRP A 194 -4.26 -10.85 0.43
N GLU A 195 -4.35 -12.04 -0.13
CA GLU A 195 -5.26 -13.03 0.39
C GLU A 195 -4.98 -13.30 1.85
N ASN A 196 -3.71 -13.40 2.17
CA ASN A 196 -3.31 -13.55 3.56
C ASN A 196 -3.68 -12.34 4.41
N ASN A 197 -3.48 -11.13 3.89
CA ASN A 197 -3.79 -9.94 4.66
C ASN A 197 -5.29 -9.76 4.95
N ARG A 198 -6.13 -10.27 4.04
CA ARG A 198 -7.57 -10.02 4.11
CA ARG A 198 -7.58 -10.04 4.09
C ARG A 198 -8.35 -11.13 4.87
N GLU A 199 -7.64 -11.89 5.70
CA GLU A 199 -8.28 -12.83 6.64
C GLU A 199 -7.51 -12.97 7.94
N CYS A 200 -8.27 -13.37 8.97
CA CYS A 200 -7.68 -13.69 10.28
C CYS A 200 -8.03 -15.13 10.67
N TYR A 201 -8.43 -15.92 9.68
CA TYR A 201 -8.58 -17.36 9.82
C TYR A 201 -7.26 -18.00 10.32
N HIS A 202 -6.11 -17.48 9.90
CA HIS A 202 -4.79 -18.02 10.33
C HIS A 202 -4.27 -17.44 11.66
N CYS A 203 -5.02 -16.51 12.25
CA CYS A 203 -4.52 -15.75 13.40
C CYS A 203 -4.29 -16.58 14.65
N GLY A 204 -5.27 -17.39 15.02
CA GLY A 204 -5.19 -18.22 16.22
C GLY A 204 -3.95 -19.09 16.23
N GLY A 205 -3.58 -19.63 15.08
CA GLY A 205 -2.44 -20.53 14.96
C GLY A 205 -1.08 -19.89 14.73
N ASN A 206 -1.06 -18.59 14.37
CA ASN A 206 0.18 -17.97 13.85
C ASN A 206 0.65 -16.63 14.45
N HIS A 207 -0.23 -15.90 15.14
CA HIS A 207 0.13 -14.55 15.68
C HIS A 207 -0.07 -14.33 17.18
N PRO A 208 0.77 -14.94 18.04
CA PRO A 208 0.66 -14.71 19.47
C PRO A 208 0.67 -13.23 19.92
N ALA A 209 1.61 -12.42 19.42
CA ALA A 209 1.79 -11.02 19.89
C ALA A 209 0.65 -10.14 19.43
N LEU A 210 0.27 -10.27 18.16
CA LEU A 210 -0.86 -9.47 17.64
C LEU A 210 -2.18 -9.86 18.33
N CYS A 211 -2.40 -11.15 18.57
CA CYS A 211 -3.68 -11.61 19.19
C CYS A 211 -3.91 -11.13 20.64
N ARG A 212 -2.88 -10.55 21.27
CA ARG A 212 -3.04 -9.87 22.57
C ARG A 212 -3.93 -8.61 22.46
N THR A 213 -3.98 -8.00 21.26
CA THR A 213 -4.74 -6.75 21.08
C THR A 213 -5.78 -6.74 19.95
N PHE A 214 -5.56 -7.58 18.94
CA PHE A 214 -6.34 -7.57 17.70
C PHE A 214 -7.32 -8.72 17.70
N PRO A 215 -8.63 -8.41 17.61
CA PRO A 215 -9.62 -9.51 17.61
C PRO A 215 -9.60 -10.32 16.32
N ASP A 216 -9.74 -11.64 16.41
CA ASP A 216 -9.81 -12.47 15.17
C ASP A 216 -11.27 -12.73 14.75
N ASP A 217 -12.16 -11.93 15.33
CA ASP A 217 -13.54 -11.71 14.84
C ASP A 217 -13.60 -11.40 13.31
N PRO A 218 -14.34 -12.23 12.55
CA PRO A 218 -14.43 -12.01 11.07
C PRO A 218 -15.18 -10.71 10.64
N SER A 219 -16.01 -10.16 11.53
CA SER A 219 -16.71 -8.89 11.25
CA SER A 219 -16.71 -8.89 11.26
C SER A 219 -15.74 -7.70 11.28
N VAL A 220 -14.61 -7.85 11.98
CA VAL A 220 -13.56 -6.79 12.05
C VAL A 220 -12.72 -6.76 10.77
N THR A 221 -12.04 -7.84 10.49
CA THR A 221 -11.18 -7.96 9.30
C THR A 221 -11.99 -8.14 7.99
N GLY A 222 -13.04 -8.97 8.03
CA GLY A 222 -13.72 -9.41 6.80
C GLY A 222 -14.75 -8.43 6.23
N ILE A 223 -15.52 -8.94 5.26
CA ILE A 223 -16.55 -8.17 4.56
C ILE A 223 -17.84 -8.96 4.74
N GLU A 224 -18.71 -8.48 5.63
CA GLU A 224 -19.93 -9.21 5.95
C GLU A 224 -21.14 -8.45 5.43
N GLY A 225 -22.14 -9.19 4.97
CA GLY A 225 -23.34 -8.58 4.39
C GLY A 225 -24.29 -8.07 5.45
N GLY A 226 -24.11 -8.52 6.69
CA GLY A 226 -25.11 -8.30 7.74
C GLY A 226 -25.28 -6.86 8.21
N GLU A 227 -26.27 -6.66 9.06
CA GLU A 227 -26.35 -5.47 9.88
C GLU A 227 -25.10 -5.47 10.78
N THR A 228 -24.63 -4.28 11.16
CA THR A 228 -23.39 -4.18 11.94
C THR A 228 -23.57 -4.78 13.33
N PRO A 229 -22.64 -5.67 13.75
CA PRO A 229 -22.68 -6.17 15.16
C PRO A 229 -22.70 -5.00 16.16
N SER A 230 -23.46 -5.11 17.25
CA SER A 230 -23.64 -3.92 18.10
C SER A 230 -22.33 -3.43 18.82
N ASN A 231 -21.39 -4.33 19.12
CA ASN A 231 -20.09 -3.89 19.69
C ASN A 231 -19.30 -2.97 18.71
N LEU A 232 -19.32 -3.31 17.42
CA LEU A 232 -18.72 -2.46 16.39
C LEU A 232 -19.45 -1.12 16.29
N GLN A 233 -20.77 -1.15 16.29
CA GLN A 233 -21.56 0.08 16.11
C GLN A 233 -21.35 1.04 17.27
N ALA A 234 -21.31 0.49 18.49
CA ALA A 234 -21.07 1.32 19.69
C ALA A 234 -19.71 2.01 19.61
N HIS A 235 -18.71 1.31 19.10
CA HIS A 235 -17.41 1.94 18.90
C HIS A 235 -17.47 3.07 17.84
N PHE A 236 -18.11 2.79 16.71
CA PHE A 236 -18.27 3.80 15.65
C PHE A 236 -18.92 5.06 16.31
N ASP A 237 -20.00 4.85 17.05
CA ASP A 237 -20.75 5.99 17.65
C ASP A 237 -19.92 6.71 18.71
N ARG A 238 -19.21 5.95 19.55
CA ARG A 238 -18.34 6.57 20.55
C ARG A 238 -17.31 7.49 19.89
N CYS A 239 -16.68 7.00 18.82
CA CYS A 239 -15.63 7.74 18.13
C CYS A 239 -16.19 8.95 17.34
N GLU A 240 -17.28 8.71 16.60
CA GLU A 240 -17.98 9.80 15.89
C GLU A 240 -18.58 10.88 16.81
N GLN A 241 -19.12 10.50 17.97
CA GLN A 241 -19.59 11.51 18.94
C GLN A 241 -18.43 12.44 19.32
N ALA A 242 -17.22 11.89 19.32
CA ALA A 242 -16.01 12.62 19.73
C ALA A 242 -15.29 13.25 18.55
N GLY A 243 -15.91 13.19 17.37
CA GLY A 243 -15.41 13.88 16.17
C GLY A 243 -14.40 13.11 15.33
N MSE A 244 -14.43 11.77 15.41
CA MSE A 244 -13.56 10.89 14.60
CA MSE A 244 -13.56 10.90 14.61
C MSE A 244 -14.38 10.01 13.66
O MSE A 244 -14.99 9.00 14.08
CB MSE A 244 -12.71 9.99 15.50
CB MSE A 244 -12.68 10.05 15.56
CG MSE A 244 -11.69 10.72 16.36
CG MSE A 244 -11.95 10.86 16.65
SE MSE A 244 -10.60 9.43 17.34
SE MSE A 244 -11.55 9.84 18.27
CE MSE A 244 -11.84 8.75 18.66
CE MSE A 244 -10.50 8.47 17.36
N PRO A 245 -14.38 10.34 12.35
CA PRO A 245 -15.09 9.51 11.39
C PRO A 245 -14.66 8.05 11.48
N SER A 246 -15.64 7.15 11.52
CA SER A 246 -15.41 5.73 11.85
C SER A 246 -16.25 4.70 11.10
N GLY A 247 -17.44 5.07 10.65
CA GLY A 247 -18.36 4.14 10.03
C GLY A 247 -17.77 3.41 8.84
N PHE A 248 -18.24 2.18 8.65
CA PHE A 248 -17.75 1.28 7.60
C PHE A 248 -18.13 1.85 6.24
N HIS A 249 -17.16 1.91 5.31
CA HIS A 249 -17.41 2.21 3.92
C HIS A 249 -16.55 1.33 3.02
N LEU A 250 -17.21 0.52 2.19
CA LEU A 250 -16.56 -0.25 1.13
C LEU A 250 -16.98 0.35 -0.18
N SER A 251 -16.01 0.72 -1.04
CA SER A 251 -16.34 1.31 -2.33
C SER A 251 -17.18 0.35 -3.20
N GLY A 252 -17.99 0.90 -4.09
CA GLY A 252 -18.88 0.10 -4.94
C GLY A 252 -18.16 -0.93 -5.80
N ASP A 253 -16.98 -0.57 -6.29
CA ASP A 253 -16.18 -1.46 -7.12
C ASP A 253 -15.21 -2.37 -6.32
N GLY A 254 -15.22 -2.22 -4.99
CA GLY A 254 -14.44 -3.06 -4.12
C GLY A 254 -12.99 -2.67 -3.92
N GLN A 255 -12.54 -1.59 -4.54
CA GLN A 255 -11.12 -1.22 -4.45
C GLN A 255 -10.64 -0.78 -3.05
N PHE A 256 -11.47 -0.09 -2.28
CA PHE A 256 -11.03 0.44 -1.00
C PHE A 256 -12.09 0.34 0.09
N ARG A 257 -11.62 0.34 1.33
CA ARG A 257 -12.49 0.24 2.49
C ARG A 257 -11.84 0.96 3.67
N VAL A 258 -12.66 1.77 4.37
CA VAL A 258 -12.29 2.36 5.66
C VAL A 258 -13.29 1.96 6.74
N ALA A 259 -12.79 1.73 7.97
CA ALA A 259 -13.62 1.51 9.14
C ALA A 259 -12.71 1.59 10.35
N ARG A 260 -13.18 2.23 11.41
CA ARG A 260 -12.43 2.34 12.67
C ARG A 260 -13.00 1.32 13.65
N MSE A 261 -12.25 0.24 13.80
CA MSE A 261 -12.71 -0.96 14.45
C MSE A 261 -12.17 -1.02 15.90
O MSE A 261 -11.04 -0.58 16.17
CB MSE A 261 -12.20 -2.17 13.67
CG MSE A 261 -12.77 -2.35 12.23
SE MSE A 261 -14.65 -2.59 12.35
CE MSE A 261 -14.66 -3.95 13.73
N PRO A 262 -12.97 -1.57 16.85
CA PRO A 262 -12.47 -1.64 18.21
C PRO A 262 -11.42 -2.74 18.35
N LEU A 263 -10.48 -2.53 19.26
CA LEU A 263 -9.52 -3.57 19.63
C LEU A 263 -10.08 -4.37 20.80
N LYS A 264 -9.34 -5.39 21.21
CA LYS A 264 -9.76 -6.22 22.34
C LYS A 264 -9.92 -5.43 23.63
N GLU A 265 -10.68 -6.02 24.55
CA GLU A 265 -10.92 -5.41 25.87
C GLU A 265 -9.63 -4.83 26.45
N GLY A 266 -9.66 -3.52 26.62
CA GLY A 266 -8.61 -2.78 27.31
C GLY A 266 -7.59 -2.14 26.39
N ALA A 267 -7.34 -2.75 25.24
CA ALA A 267 -6.19 -2.42 24.41
C ALA A 267 -6.34 -1.07 23.74
N GLU A 268 -5.24 -0.32 23.72
CA GLU A 268 -5.14 1.02 23.12
C GLU A 268 -4.36 0.97 21.80
N SER A 269 -3.34 0.12 21.76
CA SER A 269 -2.34 0.14 20.68
C SER A 269 -1.73 -1.26 20.47
N TYR A 270 -1.03 -1.43 19.33
CA TYR A 270 -0.41 -2.69 18.96
C TYR A 270 0.96 -2.76 19.64
N THR A 271 0.92 -3.13 20.92
CA THR A 271 2.09 -3.26 21.78
C THR A 271 1.89 -4.52 22.59
N MSE A 272 2.98 -5.01 23.17
CA MSE A 272 2.91 -6.24 23.96
C MSE A 272 1.99 -6.11 25.20
O MSE A 272 1.37 -7.08 25.63
CB MSE A 272 4.33 -6.67 24.35
CG MSE A 272 4.42 -8.16 24.69
SE MSE A 272 4.20 -9.29 23.10
CE MSE A 272 5.75 -8.72 22.13
N ASP A 273 1.97 -4.91 25.80
CA ASP A 273 1.17 -4.68 27.00
C ASP A 273 -0.19 -4.06 26.69
N GLY A 274 -0.45 -3.80 25.42
CA GLY A 274 -1.69 -3.17 24.97
C GLY A 274 -1.79 -1.65 25.12
N LYS A 275 -0.84 -1.02 25.82
CA LYS A 275 -0.90 0.42 26.08
C LYS A 275 -0.27 1.21 24.94
N THR A 276 -0.60 2.49 24.81
CA THR A 276 -0.03 3.31 23.77
C THR A 276 1.51 3.22 23.82
N ALA A 277 2.12 3.15 22.64
CA ALA A 277 3.59 3.14 22.49
C ALA A 277 4.20 4.52 22.64
N VAL A 278 3.45 5.55 22.22
CA VAL A 278 3.99 6.93 22.16
C VAL A 278 3.17 7.86 23.05
N ARG A 279 3.86 8.60 23.91
CA ARG A 279 3.27 9.49 24.90
C ARG A 279 2.67 10.78 24.29
N ARG A 280 3.29 11.23 23.20
CA ARG A 280 2.82 12.37 22.40
C ARG A 280 2.10 11.80 21.17
N TRP A 281 0.76 11.92 21.12
CA TRP A 281 0.00 11.21 20.09
C TRP A 281 0.06 11.88 18.72
N LEU A 282 0.01 11.04 17.68
CA LEU A 282 -0.11 11.49 16.30
C LEU A 282 -1.58 11.73 15.96
N GLY A 283 -1.99 13.00 15.99
CA GLY A 283 -3.39 13.36 15.66
C GLY A 283 -4.30 13.68 16.84
N ARG A 284 -5.59 13.76 16.57
CA ARG A 284 -6.54 14.33 17.54
C ARG A 284 -7.38 13.30 18.29
N ALA A 285 -6.98 12.04 18.31
CA ALA A 285 -7.75 11.06 19.02
C ALA A 285 -8.13 11.58 20.43
N ALA A 286 -9.43 11.46 20.74
CA ALA A 286 -10.01 12.01 21.97
C ALA A 286 -9.72 11.14 23.19
N PHE A 287 -9.36 9.89 22.96
CA PHE A 287 -9.06 8.94 24.02
C PHE A 287 -8.12 7.86 23.49
N ALA A 288 -7.46 7.16 24.40
CA ALA A 288 -6.39 6.23 24.02
C ALA A 288 -6.92 4.95 23.32
N ASP A 289 -8.14 4.53 23.68
CA ASP A 289 -8.71 3.28 23.16
C ASP A 289 -9.60 3.59 21.97
N ALA A 290 -9.01 4.23 20.96
CA ALA A 290 -9.71 4.67 19.73
C ALA A 290 -9.85 3.53 18.72
N GLY A 291 -9.38 2.34 19.05
CA GLY A 291 -9.35 1.23 18.09
C GLY A 291 -8.36 1.50 16.98
N SER A 292 -8.54 0.83 15.84
CA SER A 292 -7.67 1.03 14.68
C SER A 292 -8.54 1.39 13.47
N LEU A 293 -8.22 2.52 12.84
CA LEU A 293 -8.72 2.84 11.52
C LEU A 293 -8.04 1.92 10.54
N LEU A 294 -8.85 1.02 10.00
CA LEU A 294 -8.41 0.10 8.94
C LEU A 294 -8.69 0.78 7.63
N LYS A 295 -7.69 0.75 6.76
CA LYS A 295 -7.84 1.24 5.41
C LYS A 295 -7.10 0.27 4.47
N PHE A 296 -7.80 -0.22 3.46
CA PHE A 296 -7.11 -0.80 2.30
C PHE A 296 -7.46 -0.04 1.02
N HIS A 297 -6.52 -0.09 0.08
CA HIS A 297 -6.73 0.43 -1.28
C HIS A 297 -5.91 -0.47 -2.20
N TYR A 298 -6.59 -1.32 -2.96
CA TYR A 298 -5.95 -2.27 -3.83
C TYR A 298 -5.39 -1.56 -5.06
N PRO A 299 -4.22 -1.99 -5.56
CA PRO A 299 -3.45 -3.17 -5.24
C PRO A 299 -2.27 -2.98 -4.28
N THR A 300 -2.13 -1.81 -3.65
CA THR A 300 -0.86 -1.51 -2.97
C THR A 300 -0.84 -1.36 -1.46
N THR A 301 -1.96 -1.09 -0.79
CA THR A 301 -1.82 -0.64 0.63
C THR A 301 -2.87 -1.12 1.62
N TRP A 302 -2.42 -1.59 2.79
CA TRP A 302 -3.27 -1.69 3.94
C TRP A 302 -2.62 -0.88 5.06
N ASN A 303 -3.40 -0.52 6.08
CA ASN A 303 -2.95 0.45 7.09
C ASN A 303 -3.71 0.30 8.39
N HIS A 304 -3.08 0.68 9.49
CA HIS A 304 -3.72 0.77 10.80
C HIS A 304 -3.36 2.13 11.42
N PHE A 305 -4.38 2.97 11.66
CA PHE A 305 -4.16 4.27 12.29
C PHE A 305 -4.74 4.25 13.73
N LEU A 306 -3.87 4.38 14.74
CA LEU A 306 -4.27 4.26 16.14
C LEU A 306 -4.31 5.64 16.80
N SER A 307 -4.71 5.69 18.05
CA SER A 307 -4.67 6.94 18.81
C SER A 307 -3.28 7.55 18.86
N ASP A 308 -2.26 6.72 19.08
CA ASP A 308 -0.95 7.24 19.43
C ASP A 308 -0.01 7.26 18.26
N HIS A 309 -0.06 6.23 17.40
CA HIS A 309 0.78 6.13 16.23
C HIS A 309 0.00 5.44 15.11
N SER A 310 0.60 5.40 13.92
CA SER A 310 0.00 4.79 12.75
C SER A 310 1.02 3.93 12.03
N ILE A 311 0.55 2.91 11.31
CA ILE A 311 1.40 2.01 10.55
C ILE A 311 0.83 1.91 9.14
N VAL A 312 1.65 2.25 8.17
CA VAL A 312 1.27 2.22 6.76
C VAL A 312 2.11 1.18 5.98
N PHE A 313 1.43 0.37 5.16
CA PHE A 313 2.02 -0.79 4.51
C PHE A 313 1.87 -0.63 3.00
N ARG A 314 2.88 -1.11 2.28
CA ARG A 314 2.94 -0.98 0.81
C ARG A 314 3.40 -2.29 0.20
N VAL A 315 2.62 -2.82 -0.74
CA VAL A 315 2.87 -4.05 -1.47
C VAL A 315 3.33 -3.77 -2.89
N THR A 316 4.53 -4.24 -3.25
CA THR A 316 5.07 -4.08 -4.60
C THR A 316 5.52 -5.43 -5.15
N PRO A 317 4.91 -5.90 -6.26
CA PRO A 317 5.31 -7.18 -6.85
C PRO A 317 6.72 -7.10 -7.48
N ILE A 318 7.48 -8.19 -7.39
CA ILE A 318 8.85 -8.25 -7.93
C ILE A 318 8.90 -9.31 -9.03
N SER A 319 8.34 -10.48 -8.74
CA SER A 319 8.29 -11.59 -9.70
C SER A 319 7.06 -12.43 -9.39
N PRO A 320 6.76 -13.45 -10.24
CA PRO A 320 5.57 -14.24 -9.94
C PRO A 320 5.56 -14.85 -8.52
N THR A 321 6.72 -15.08 -7.93
CA THR A 321 6.80 -15.68 -6.60
C THR A 321 7.56 -14.80 -5.61
N GLU A 322 7.61 -13.51 -5.86
CA GLU A 322 8.29 -12.55 -4.96
C GLU A 322 7.56 -11.24 -4.87
N THR A 323 7.41 -10.75 -3.63
CA THR A 323 6.67 -9.56 -3.34
C THR A 323 7.34 -8.81 -2.20
N GLU A 324 7.57 -7.51 -2.40
CA GLU A 324 8.11 -6.66 -1.34
C GLU A 324 6.98 -6.10 -0.51
N VAL A 325 7.12 -6.20 0.81
CA VAL A 325 6.25 -5.50 1.72
C VAL A 325 7.05 -4.49 2.53
N THR A 326 6.67 -3.23 2.40
CA THR A 326 7.35 -2.14 3.12
C THR A 326 6.41 -1.58 4.17
N THR A 327 6.86 -1.57 5.41
CA THR A 327 6.08 -1.13 6.57
C THR A 327 6.74 0.07 7.18
N LYS A 328 5.94 1.10 7.46
CA LYS A 328 6.43 2.32 8.11
C LYS A 328 5.58 2.71 9.31
N TRP A 329 6.25 2.91 10.44
CA TRP A 329 5.64 3.34 11.68
C TRP A 329 5.74 4.87 11.77
N LEU A 330 4.61 5.53 11.89
CA LEU A 330 4.53 6.99 11.89
C LEU A 330 4.18 7.47 13.28
N VAL A 331 4.97 8.41 13.76
CA VAL A 331 4.73 9.05 15.03
C VAL A 331 4.76 10.56 14.84
N HIS A 332 4.31 11.26 15.85
CA HIS A 332 4.36 12.71 15.81
C HIS A 332 5.81 13.18 15.61
N LYS A 333 5.99 14.18 14.75
CA LYS A 333 7.33 14.68 14.39
C LYS A 333 8.17 15.17 15.57
N ASP A 334 7.53 15.62 16.63
CA ASP A 334 8.21 16.08 17.85
C ASP A 334 8.36 15.01 18.95
N ALA A 335 7.89 13.79 18.70
CA ALA A 335 8.07 12.67 19.65
C ALA A 335 9.53 12.22 19.59
N VAL A 336 10.20 12.12 20.72
CA VAL A 336 11.63 11.82 20.73
C VAL A 336 11.89 10.37 21.16
N GLU A 337 12.63 9.62 20.37
CA GLU A 337 12.97 8.23 20.75
C GLU A 337 13.80 8.23 22.04
N GLY A 338 13.40 7.40 23.01
CA GLY A 338 14.07 7.30 24.29
C GLY A 338 13.42 8.14 25.37
N VAL A 339 12.47 9.00 24.97
CA VAL A 339 11.76 9.85 25.91
C VAL A 339 10.25 9.63 25.78
N ASP A 340 9.72 9.81 24.56
CA ASP A 340 8.30 9.71 24.32
C ASP A 340 7.92 8.33 23.84
N TYR A 341 8.89 7.57 23.31
CA TYR A 341 8.66 6.19 22.89
C TYR A 341 9.98 5.43 22.88
N ASP A 342 9.87 4.11 22.85
CA ASP A 342 11.04 3.22 22.79
C ASP A 342 10.90 2.45 21.48
N LEU A 343 11.95 2.40 20.69
CA LEU A 343 11.86 1.84 19.35
C LEU A 343 11.39 0.37 19.36
N GLN A 344 11.96 -0.44 20.26
CA GLN A 344 11.57 -1.85 20.33
C GLN A 344 10.09 -2.00 20.73
N ARG A 345 9.66 -1.29 21.75
CA ARG A 345 8.25 -1.34 22.18
C ARG A 345 7.27 -0.93 21.05
N LEU A 346 7.64 0.10 20.30
CA LEU A 346 6.82 0.63 19.22
C LEU A 346 6.66 -0.37 18.06
N THR A 347 7.73 -1.10 17.75
CA THR A 347 7.82 -1.85 16.50
C THR A 347 7.71 -3.36 16.64
N GLU A 348 7.93 -3.90 17.84
CA GLU A 348 8.09 -5.35 17.95
C GLU A 348 6.87 -6.19 17.51
N VAL A 349 5.66 -5.72 17.76
CA VAL A 349 4.47 -6.50 17.44
C VAL A 349 4.35 -6.67 15.93
N TRP A 350 4.44 -5.58 15.17
CA TRP A 350 4.26 -5.74 13.73
C TRP A 350 5.47 -6.32 13.00
N ILE A 351 6.69 -6.16 13.54
CA ILE A 351 7.84 -6.86 12.99
C ILE A 351 7.60 -8.38 13.09
N ALA A 352 7.13 -8.84 14.25
CA ALA A 352 6.91 -10.27 14.48
C ALA A 352 5.76 -10.73 13.59
N THR A 353 4.68 -9.96 13.60
CA THR A 353 3.47 -10.30 12.77
C THR A 353 3.79 -10.38 11.29
N ASN A 354 4.57 -9.43 10.78
CA ASN A 354 4.98 -9.48 9.36
C ASN A 354 5.77 -10.75 9.01
N ASP A 355 6.69 -11.13 9.87
CA ASP A 355 7.49 -12.34 9.67
CA ASP A 355 7.47 -12.34 9.67
C ASP A 355 6.61 -13.61 9.71
N GLU A 356 5.60 -13.61 10.58
CA GLU A 356 4.65 -14.71 10.69
C GLU A 356 3.79 -14.84 9.42
N ASP A 357 3.34 -13.69 8.89
CA ASP A 357 2.58 -13.63 7.66
C ASP A 357 3.47 -14.10 6.51
N ARG A 358 4.71 -13.64 6.48
CA ARG A 358 5.64 -14.06 5.45
C ARG A 358 5.79 -15.59 5.44
N GLU A 359 5.93 -16.20 6.61
CA GLU A 359 6.10 -17.65 6.71
CA GLU A 359 6.13 -17.65 6.68
C GLU A 359 4.93 -18.40 6.08
N VAL A 360 3.71 -18.03 6.47
CA VAL A 360 2.50 -18.70 5.93
C VAL A 360 2.33 -18.44 4.44
N VAL A 361 2.60 -17.23 3.99
CA VAL A 361 2.55 -16.93 2.54
C VAL A 361 3.58 -17.80 1.77
N GLU A 362 4.79 -17.92 2.31
CA GLU A 362 5.85 -18.65 1.63
C GLU A 362 5.58 -20.15 1.50
N PHE A 363 5.05 -20.76 2.56
CA PHE A 363 4.70 -22.18 2.50
C PHE A 363 3.39 -22.40 1.73
N ASN A 364 2.54 -21.38 1.63
CA ASN A 364 1.37 -21.47 0.77
C ASN A 364 1.82 -21.49 -0.70
N GLN A 365 2.67 -20.54 -1.08
CA GLN A 365 3.22 -20.52 -2.43
C GLN A 365 3.91 -21.88 -2.76
N MSE A 366 4.67 -22.42 -1.83
CA MSE A 366 5.45 -23.60 -2.13
C MSE A 366 4.55 -24.78 -2.44
O MSE A 366 4.87 -25.57 -3.30
CB MSE A 366 6.35 -23.93 -0.94
CG MSE A 366 7.37 -25.00 -1.16
SE MSE A 366 8.51 -25.19 0.51
CE MSE A 366 9.06 -23.44 0.71
N GLY A 367 3.44 -24.90 -1.72
CA GLY A 367 2.47 -25.96 -1.97
C GLY A 367 1.76 -25.77 -3.31
N ILE A 368 1.41 -24.52 -3.59
CA ILE A 368 0.73 -24.15 -4.85
C ILE A 368 1.58 -24.50 -6.10
N ASN A 369 2.91 -24.44 -5.96
CA ASN A 369 3.83 -24.83 -7.04
C ASN A 369 3.68 -26.27 -7.57
N SER A 370 3.11 -27.17 -6.76
CA SER A 370 2.92 -28.54 -7.15
C SER A 370 1.83 -28.66 -8.20
N PRO A 371 2.06 -29.50 -9.22
CA PRO A 371 0.99 -29.85 -10.18
C PRO A 371 -0.21 -30.50 -9.52
N ALA A 372 -0.06 -31.00 -8.28
CA ALA A 372 -1.19 -31.54 -7.55
C ALA A 372 -2.11 -30.49 -6.94
N TYR A 373 -1.69 -29.23 -6.90
CA TYR A 373 -2.49 -28.17 -6.26
C TYR A 373 -3.77 -28.04 -7.06
N GLU A 374 -4.88 -27.94 -6.33
CA GLU A 374 -6.18 -27.67 -6.89
C GLU A 374 -6.86 -26.70 -5.92
N PRO A 375 -7.37 -25.56 -6.44
CA PRO A 375 -7.93 -24.61 -5.48
C PRO A 375 -9.15 -25.16 -4.72
N GLY A 376 -9.12 -25.02 -3.40
CA GLY A 376 -10.24 -25.31 -2.56
C GLY A 376 -11.16 -24.10 -2.36
N PRO A 377 -12.22 -24.28 -1.55
CA PRO A 377 -13.15 -23.21 -1.22
C PRO A 377 -12.66 -22.30 -0.11
N TYR A 378 -12.93 -21.00 -0.25
CA TYR A 378 -12.74 -20.06 0.84
C TYR A 378 -13.83 -20.24 1.90
N SER A 379 -13.45 -20.12 3.17
CA SER A 379 -14.44 -20.10 4.24
C SER A 379 -15.42 -18.92 4.04
N PRO A 380 -16.73 -19.22 3.89
CA PRO A 380 -17.66 -18.11 3.71
C PRO A 380 -17.61 -17.07 4.83
N THR A 381 -17.47 -17.51 6.08
CA THR A 381 -17.44 -16.59 7.21
CA THR A 381 -17.44 -16.59 7.21
C THR A 381 -16.04 -16.12 7.59
N GLN A 382 -15.04 -17.00 7.52
CA GLN A 382 -13.67 -16.65 7.97
C GLN A 382 -12.77 -15.96 6.92
N GLU A 383 -13.17 -16.07 5.64
CA GLU A 383 -12.42 -15.58 4.50
C GLU A 383 -13.32 -14.77 3.52
N SER A 384 -14.36 -14.12 4.07
CA SER A 384 -15.19 -13.19 3.27
C SER A 384 -14.35 -12.09 2.62
N GLY A 385 -13.31 -11.65 3.31
CA GLY A 385 -12.42 -10.64 2.79
C GLY A 385 -11.55 -11.12 1.64
N VAL A 386 -11.17 -12.41 1.67
CA VAL A 386 -10.37 -13.00 0.59
C VAL A 386 -11.27 -13.13 -0.67
N LEU A 387 -12.48 -13.61 -0.50
CA LEU A 387 -13.45 -13.70 -1.61
C LEU A 387 -13.62 -12.29 -2.25
N GLN A 388 -13.76 -11.27 -1.40
CA GLN A 388 -13.90 -9.91 -1.87
C GLN A 388 -12.66 -9.44 -2.63
N PHE A 389 -11.46 -9.72 -2.12
CA PHE A 389 -10.26 -9.35 -2.86
C PHE A 389 -10.18 -10.02 -4.23
N VAL A 390 -10.43 -11.33 -4.28
CA VAL A 390 -10.33 -12.09 -5.53
C VAL A 390 -11.34 -11.55 -6.53
N GLU A 391 -12.54 -11.19 -6.06
CA GLU A 391 -13.56 -10.58 -6.94
C GLU A 391 -13.12 -9.21 -7.48
N TRP A 392 -12.52 -8.38 -6.64
CA TRP A 392 -11.93 -7.12 -7.11
C TRP A 392 -10.87 -7.39 -8.19
N TYR A 393 -9.95 -8.31 -7.92
CA TYR A 393 -8.90 -8.62 -8.86
C TYR A 393 -9.42 -9.10 -10.23
N LEU A 394 -10.25 -10.15 -10.22
CA LEU A 394 -10.78 -10.69 -11.50
C LEU A 394 -11.64 -9.64 -12.25
N SER A 395 -12.49 -8.91 -11.52
CA SER A 395 -13.32 -7.90 -12.18
C SER A 395 -12.51 -6.75 -12.78
N THR A 396 -11.48 -6.32 -12.07
CA THR A 396 -10.60 -5.25 -12.54
C THR A 396 -9.77 -5.72 -13.72
N LEU A 397 -9.23 -6.93 -13.64
CA LEU A 397 -8.44 -7.49 -14.75
C LEU A 397 -9.31 -7.57 -16.01
N LYS A 398 -10.56 -8.00 -15.86
CA LYS A 398 -11.46 -8.15 -17.01
CA LYS A 398 -11.49 -8.15 -16.99
C LYS A 398 -11.82 -6.78 -17.63
N ARG A 399 -12.12 -5.80 -16.77
CA ARG A 399 -12.41 -4.43 -17.23
CA ARG A 399 -12.40 -4.42 -17.17
C ARG A 399 -11.20 -3.77 -17.89
N ASN A 400 -10.05 -3.78 -17.22
CA ASN A 400 -8.85 -3.10 -17.77
C ASN A 400 -8.34 -3.75 -19.07
N SER A 401 -8.49 -5.07 -19.17
CA SER A 401 -8.12 -5.82 -20.38
C SER A 401 -9.09 -5.59 -21.54
N GLY A 402 -10.37 -5.43 -21.23
CA GLY A 402 -11.41 -5.33 -22.25
C GLY A 402 -11.45 -3.99 -22.96
N PRO A 403 -12.50 -3.75 -23.77
CA PRO A 403 -12.63 -2.51 -24.52
C PRO A 403 -13.45 -1.47 -23.76
FE1 FES B . 22.10 11.53 -18.77
FE2 FES B . 23.91 11.44 -20.78
S1 FES B . 23.47 13.15 -19.49
S2 FES B . 22.61 9.80 -20.03
NI NI C . -1.72 -12.47 9.57
NI NI D . -15.05 -27.22 -4.35
CL CL E . -4.53 -5.74 8.37
C TRS F . -3.63 -10.28 9.75
C1 TRS F . -3.59 -10.49 8.24
C2 TRS F . -4.80 -9.34 10.06
C3 TRS F . -2.35 -9.62 10.24
N TRS F . -3.79 -11.61 10.37
O1 TRS F . -2.55 -11.41 7.85
O2 TRS F . -6.02 -10.05 10.04
O3 TRS F . -1.28 -10.56 10.21
C TRS G . -13.01 -29.50 -5.31
C1 TRS G . -14.00 -30.30 -4.45
C2 TRS G . -12.21 -28.50 -4.43
C3 TRS G . -13.74 -28.80 -6.44
N TRS G . -12.11 -30.41 -6.02
O1 TRS G . -15.18 -29.55 -4.19
O2 TRS G . -13.03 -27.77 -3.51
O3 TRS G . -14.42 -27.71 -5.89
C1 GOL H . 10.46 23.50 -8.93
O1 GOL H . 11.43 23.50 -7.89
C2 GOL H . 9.58 24.74 -8.94
O2 GOL H . 9.37 25.23 -7.64
C3 GOL H . 8.19 24.46 -9.49
O3 GOL H . 8.13 24.22 -10.86
C1 GOL I . -15.84 -15.04 -10.64
O1 GOL I . -16.94 -15.89 -10.28
C2 GOL I . -16.25 -13.82 -11.50
O2 GOL I . -16.66 -12.76 -10.68
C3 GOL I . -15.11 -13.31 -12.39
O3 GOL I . -15.63 -12.95 -13.66
#